data_9RGA
#
_entry.id   9RGA
#
_cell.length_a   59.820
_cell.length_b   59.820
_cell.length_c   214.120
_cell.angle_alpha   90.00
_cell.angle_beta   90.00
_cell.angle_gamma   90.00
#
_symmetry.space_group_name_H-M   'P 43 21 2'
#
loop_
_entity.id
_entity.type
_entity.pdbx_description
1 polymer 'Serine protease subunit NS2B'
2 polymer 'Genome polyprotein'
3 non-polymer (3,5-dimethylfuran-2-yl)-[(2~{S})-2-(methylaminomethyl)pyrrolidin-1-yl]methanone
4 water water
#
loop_
_entity_poly.entity_id
_entity_poly.type
_entity_poly.pdbx_seq_one_letter_code
_entity_poly.pdbx_strand_id
1 'polypeptide(L)' MTGKSVDMYIERAGDITWEKDAEVTGNSPRLDVALDESGDFSLVEEDGPPMRE A,C
2 'polypeptide(L)'
;GALWDVPAPKEVKKGETTDGVYRVMTRRLLGSTQVGVGVMQEGVFHTMWHVTKGAALRSGEGRLDPYWGDVKQDLVSYCG
PWKLDAAWDGLSEVQLLAVPPGERAKNIQTLPGIFKTKDGDIGAVALDYPAGTSGSPILDKSGRVIGLYGNGVVIKNGSY
VSAITQGKREEETPVE
;
B,D
#
# COMPACT_ATOMS: atom_id res chain seq x y z
N ASP A 7 13.53 11.92 13.71
CA ASP A 7 13.56 10.56 14.25
C ASP A 7 12.17 9.92 14.18
N MET A 8 11.91 8.96 15.04
CA MET A 8 10.74 8.08 14.90
C MET A 8 9.71 8.37 15.98
N TYR A 9 8.44 8.17 15.63
CA TYR A 9 7.35 8.49 16.52
C TYR A 9 6.18 7.55 16.21
N ILE A 10 5.26 7.45 17.17
CA ILE A 10 4.14 6.52 17.03
C ILE A 10 2.81 7.27 17.06
N GLU A 11 1.83 6.73 16.33
CA GLU A 11 0.50 7.30 16.23
C GLU A 11 -0.50 6.17 16.36
N ARG A 12 -1.48 6.32 17.24
CA ARG A 12 -2.42 5.24 17.46
C ARG A 12 -3.30 5.04 16.22
N ALA A 13 -3.52 3.77 15.87
CA ALA A 13 -4.31 3.43 14.71
C ALA A 13 -5.53 2.58 15.00
N GLY A 14 -5.65 1.98 16.18
CA GLY A 14 -6.87 1.27 16.48
C GLY A 14 -6.75 0.41 17.71
N ASP A 15 -7.89 -0.21 18.05
CA ASP A 15 -7.95 -1.17 19.13
C ASP A 15 -7.48 -2.53 18.62
N ILE A 16 -6.95 -3.35 19.52
CA ILE A 16 -6.62 -4.73 19.20
C ILE A 16 -7.90 -5.54 19.41
N THR A 17 -8.63 -5.76 18.32
N THR A 17 -8.66 -5.73 18.34
CA THR A 17 -9.94 -6.39 18.38
CA THR A 17 -9.93 -6.41 18.41
C THR A 17 -10.16 -7.26 17.17
C THR A 17 -10.14 -7.27 17.17
N TRP A 18 -10.77 -8.42 17.38
CA TRP A 18 -11.28 -9.23 16.29
C TRP A 18 -12.51 -8.53 15.71
N GLU A 19 -12.68 -8.66 14.39
CA GLU A 19 -13.84 -8.09 13.70
C GLU A 19 -14.71 -9.23 13.18
N LYS A 20 -15.98 -9.26 13.61
CA LYS A 20 -16.91 -10.25 13.12
C LYS A 20 -17.12 -10.13 11.61
N ASP A 21 -17.00 -8.92 11.07
CA ASP A 21 -17.31 -8.64 9.67
C ASP A 21 -16.11 -8.82 8.75
N ALA A 22 -15.21 -9.75 9.06
CA ALA A 22 -13.93 -9.82 8.38
C ALA A 22 -14.02 -10.62 7.08
N GLU A 23 -13.43 -10.04 6.03
CA GLU A 23 -13.14 -10.77 4.79
C GLU A 23 -12.14 -11.88 5.05
N VAL A 24 -12.38 -13.03 4.40
CA VAL A 24 -11.47 -14.18 4.43
C VAL A 24 -10.71 -14.22 3.11
N THR A 25 -9.38 -14.27 3.18
CA THR A 25 -8.59 -14.36 1.96
C THR A 25 -7.22 -14.95 2.26
N GLY A 26 -6.58 -15.40 1.19
CA GLY A 26 -5.22 -15.94 1.26
C GLY A 26 -5.21 -17.45 1.39
N ASN A 27 -4.16 -18.05 0.84
N ASN A 27 -4.11 -18.03 0.88
CA ASN A 27 -4.01 -19.50 0.91
CA ASN A 27 -3.86 -19.46 0.93
C ASN A 27 -3.13 -19.91 2.08
C ASN A 27 -3.23 -19.87 2.25
N SER A 28 -3.06 -21.21 2.34
N SER A 28 -2.94 -21.17 2.38
CA SER A 28 -2.41 -21.77 3.52
CA SER A 28 -2.36 -21.74 3.60
C SER A 28 -1.31 -22.74 3.08
C SER A 28 -1.25 -22.72 3.22
N PRO A 29 -0.19 -22.23 2.59
CA PRO A 29 0.88 -23.11 2.11
C PRO A 29 1.66 -23.75 3.24
N ARG A 30 2.13 -24.96 3.00
CA ARG A 30 3.00 -25.67 3.93
C ARG A 30 4.40 -25.70 3.33
N LEU A 31 5.35 -25.10 4.02
CA LEU A 31 6.67 -24.84 3.47
C LEU A 31 7.74 -25.28 4.46
N ASP A 32 8.75 -25.96 3.95
CA ASP A 32 9.95 -26.25 4.73
C ASP A 32 10.90 -25.05 4.63
N VAL A 33 11.32 -24.52 5.78
CA VAL A 33 12.16 -23.34 5.80
C VAL A 33 13.26 -23.50 6.85
N ALA A 34 14.32 -22.71 6.65
CA ALA A 34 15.40 -22.56 7.61
C ALA A 34 15.53 -21.09 7.99
N LEU A 35 15.93 -20.87 9.23
CA LEU A 35 16.08 -19.52 9.80
C LEU A 35 17.55 -19.33 10.14
N ASP A 36 18.19 -18.34 9.51
CA ASP A 36 19.61 -18.14 9.68
C ASP A 36 19.89 -17.11 10.78
N GLU A 37 21.17 -16.88 11.04
CA GLU A 37 21.52 -16.04 12.18
C GLU A 37 21.09 -14.60 11.99
N SER A 38 20.94 -14.13 10.74
CA SER A 38 20.48 -12.78 10.49
C SER A 38 18.96 -12.62 10.60
N GLY A 39 18.26 -13.67 11.02
CA GLY A 39 16.82 -13.62 11.09
C GLY A 39 16.12 -13.83 9.77
N ASP A 40 16.83 -14.27 8.75
CA ASP A 40 16.24 -14.46 7.43
C ASP A 40 15.77 -15.90 7.26
N PHE A 41 14.52 -16.04 6.84
CA PHE A 41 13.98 -17.34 6.48
C PHE A 41 14.35 -17.66 5.04
N SER A 42 14.61 -18.93 4.76
CA SER A 42 14.87 -19.39 3.40
C SER A 42 14.17 -20.73 3.21
N LEU A 43 13.71 -20.95 1.97
CA LEU A 43 13.13 -22.24 1.63
C LEU A 43 14.18 -23.35 1.62
N VAL A 44 13.75 -24.54 2.04
CA VAL A 44 14.56 -25.75 2.05
C VAL A 44 13.85 -26.80 1.20
N GLU A 45 14.65 -27.64 0.53
CA GLU A 45 14.13 -28.78 -0.20
C GLU A 45 14.90 -30.04 0.18
N THR B 18 -0.83 3.82 26.14
CA THR B 18 -2.22 3.41 25.95
C THR B 18 -2.32 2.20 25.00
N ASP B 19 -3.04 1.17 25.42
CA ASP B 19 -3.11 -0.07 24.65
C ASP B 19 -3.64 0.21 23.25
N GLY B 20 -3.15 -0.54 22.27
CA GLY B 20 -3.65 -0.43 20.92
C GLY B 20 -2.59 -0.80 19.90
N VAL B 21 -2.98 -0.71 18.63
CA VAL B 21 -2.08 -0.85 17.49
C VAL B 21 -1.71 0.53 17.00
N TYR B 22 -0.43 0.73 16.67
CA TYR B 22 0.13 2.03 16.37
C TYR B 22 0.93 1.98 15.07
N ARG B 23 0.90 3.08 14.32
CA ARG B 23 1.83 3.30 13.22
C ARG B 23 3.19 3.75 13.76
N VAL B 24 4.25 3.28 13.13
CA VAL B 24 5.61 3.73 13.41
C VAL B 24 6.02 4.62 12.24
N MET B 25 6.20 5.90 12.52
CA MET B 25 6.48 6.92 11.51
C MET B 25 7.91 7.42 11.67
N THR B 26 8.48 7.88 10.56
CA THR B 26 9.78 8.53 10.62
C THR B 26 9.76 9.84 9.84
N ARG B 27 10.49 10.82 10.36
CA ARG B 27 10.62 12.11 9.70
C ARG B 27 12.09 12.49 9.59
N GLY B 31 9.72 15.02 4.66
CA GLY B 31 8.40 14.43 4.83
C GLY B 31 8.36 13.22 5.77
N SER B 32 7.16 12.80 6.12
CA SER B 32 6.96 11.66 7.01
C SER B 32 6.53 10.44 6.20
N THR B 33 7.00 9.27 6.64
CA THR B 33 6.66 8.00 6.04
C THR B 33 6.41 7.00 7.14
N GLN B 34 5.53 6.05 6.88
CA GLN B 34 5.26 4.98 7.83
C GLN B 34 6.22 3.83 7.55
N VAL B 35 7.10 3.54 8.50
CA VAL B 35 8.03 2.43 8.32
C VAL B 35 7.53 1.13 8.92
N GLY B 36 6.49 1.17 9.75
CA GLY B 36 5.98 -0.05 10.32
C GLY B 36 4.82 0.21 11.26
N VAL B 37 4.57 -0.81 12.11
CA VAL B 37 3.42 -0.89 12.99
C VAL B 37 3.88 -1.60 14.24
N GLY B 38 3.18 -1.38 15.35
CA GLY B 38 3.48 -2.10 16.57
C GLY B 38 2.29 -2.17 17.49
N VAL B 39 2.47 -2.89 18.59
CA VAL B 39 1.42 -3.18 19.56
C VAL B 39 1.83 -2.65 20.93
N MET B 40 0.98 -1.81 21.52
CA MET B 40 1.13 -1.39 22.91
C MET B 40 0.23 -2.30 23.75
N GLN B 41 0.82 -3.01 24.69
CA GLN B 41 0.07 -3.85 25.61
C GLN B 41 0.81 -3.92 26.94
N GLU B 42 0.09 -3.75 28.04
CA GLU B 42 0.67 -3.85 29.38
C GLU B 42 1.85 -2.90 29.55
N GLY B 43 1.76 -1.73 28.93
CA GLY B 43 2.77 -0.69 29.09
C GLY B 43 4.04 -0.89 28.30
N VAL B 44 4.05 -1.85 27.37
CA VAL B 44 5.20 -2.18 26.56
C VAL B 44 4.83 -2.06 25.09
N PHE B 45 5.71 -1.46 24.30
CA PHE B 45 5.53 -1.37 22.87
C PHE B 45 6.32 -2.48 22.18
N HIS B 46 5.64 -3.21 21.29
CA HIS B 46 6.17 -4.39 20.63
C HIS B 46 6.17 -4.15 19.13
N THR B 47 7.32 -4.36 18.47
CA THR B 47 7.39 -4.27 17.01
C THR B 47 8.47 -5.22 16.51
N MET B 48 8.67 -5.22 15.19
CA MET B 48 9.73 -6.03 14.60
C MET B 48 11.03 -5.23 14.57
N TRP B 49 12.13 -5.90 14.91
CA TRP B 49 13.42 -5.22 14.95
C TRP B 49 13.72 -4.46 13.66
N HIS B 50 13.46 -5.07 12.50
CA HIS B 50 13.82 -4.43 11.24
C HIS B 50 13.04 -3.14 10.98
N VAL B 51 11.94 -2.92 11.69
CA VAL B 51 11.18 -1.68 11.52
C VAL B 51 11.94 -0.50 12.09
N THR B 52 12.43 -0.63 13.33
CA THR B 52 13.05 0.49 14.00
C THR B 52 14.56 0.38 14.12
N LYS B 53 15.13 -0.81 13.95
CA LYS B 53 16.54 -1.05 14.24
C LYS B 53 16.89 -0.67 15.67
N GLY B 54 15.92 -0.76 16.58
CA GLY B 54 16.12 -0.42 17.96
C GLY B 54 16.10 1.06 18.28
N ALA B 55 15.80 1.92 17.32
CA ALA B 55 15.83 3.36 17.58
C ALA B 55 14.78 3.73 18.63
N ALA B 56 15.07 4.79 19.38
CA ALA B 56 14.10 5.32 20.31
C ALA B 56 12.91 5.90 19.57
N LEU B 57 11.76 5.90 20.22
CA LEU B 57 10.50 6.32 19.63
C LEU B 57 9.90 7.43 20.47
N ARG B 58 9.38 8.46 19.80
CA ARG B 58 8.64 9.51 20.47
C ARG B 58 7.18 9.09 20.57
N SER B 59 6.59 9.32 21.75
CA SER B 59 5.18 9.01 22.00
C SER B 59 4.66 10.21 22.79
N GLY B 60 4.02 11.14 22.10
CA GLY B 60 3.75 12.43 22.70
C GLY B 60 5.04 13.19 22.92
N GLU B 61 5.18 13.79 24.09
CA GLU B 61 6.43 14.41 24.49
C GLU B 61 7.34 13.44 25.22
N GLY B 62 6.91 12.19 25.41
CA GLY B 62 7.75 11.18 26.01
C GLY B 62 8.59 10.44 24.99
N ARG B 63 9.57 9.70 25.51
CA ARG B 63 10.44 8.87 24.69
C ARG B 63 10.33 7.44 25.16
N LEU B 64 10.26 6.50 24.22
CA LEU B 64 10.27 5.08 24.53
C LEU B 64 11.61 4.51 24.10
N ASP B 65 12.29 3.83 25.01
CA ASP B 65 13.59 3.26 24.72
C ASP B 65 13.51 1.75 24.65
N PRO B 66 14.30 1.12 23.80
CA PRO B 66 14.27 -0.35 23.74
C PRO B 66 14.74 -0.96 25.04
N TYR B 67 14.12 -2.07 25.39
CA TYR B 67 14.38 -2.83 26.60
C TYR B 67 14.90 -4.23 26.31
N TRP B 68 14.40 -4.86 25.26
CA TRP B 68 14.83 -6.20 24.85
C TRP B 68 14.77 -6.22 23.33
N GLY B 69 15.72 -6.89 22.70
CA GLY B 69 15.69 -7.04 21.26
C GLY B 69 16.49 -8.22 20.82
N ASP B 70 16.11 -8.78 19.67
CA ASP B 70 16.76 -9.99 19.15
C ASP B 70 16.64 -10.01 17.63
N VAL B 71 17.78 -9.87 16.94
CA VAL B 71 17.79 -9.80 15.49
C VAL B 71 17.33 -11.11 14.86
N LYS B 72 17.64 -12.24 15.49
CA LYS B 72 17.26 -13.51 14.88
C LYS B 72 15.76 -13.71 14.90
N GLN B 73 15.11 -13.36 16.01
CA GLN B 73 13.66 -13.39 16.08
C GLN B 73 13.03 -12.23 15.34
N ASP B 74 13.82 -11.22 15.01
CA ASP B 74 13.34 -9.97 14.40
C ASP B 74 12.31 -9.26 15.27
N LEU B 75 12.56 -9.18 16.57
CA LEU B 75 11.62 -8.57 17.51
C LEU B 75 12.33 -7.60 18.45
N VAL B 76 11.55 -6.62 18.94
CA VAL B 76 12.04 -5.64 19.90
C VAL B 76 10.87 -5.18 20.75
N SER B 77 11.14 -4.97 22.04
CA SER B 77 10.18 -4.39 22.96
C SER B 77 10.76 -3.13 23.59
N TYR B 78 9.87 -2.19 23.89
CA TYR B 78 10.21 -0.89 24.46
C TYR B 78 9.50 -0.75 25.80
N CYS B 79 10.22 -0.21 26.78
CA CYS B 79 9.73 0.17 28.10
C CYS B 79 9.65 -1.00 29.07
N GLY B 80 9.76 -2.24 28.61
CA GLY B 80 9.68 -3.39 29.46
C GLY B 80 9.85 -4.64 28.62
N PRO B 81 9.75 -5.81 29.26
CA PRO B 81 9.94 -7.07 28.54
C PRO B 81 8.74 -7.40 27.64
N TRP B 82 9.02 -8.27 26.67
CA TRP B 82 8.00 -8.73 25.73
C TRP B 82 6.85 -9.37 26.48
N LYS B 83 5.62 -8.91 26.19
CA LYS B 83 4.44 -9.29 26.94
C LYS B 83 3.49 -10.24 26.20
N LEU B 84 3.64 -10.36 24.89
CA LEU B 84 2.68 -11.10 24.08
C LEU B 84 3.07 -12.57 24.07
N ASP B 85 2.14 -13.44 24.47
CA ASP B 85 2.49 -14.86 24.60
C ASP B 85 1.53 -15.83 23.93
N ALA B 86 0.39 -15.39 23.42
CA ALA B 86 -0.54 -16.33 22.80
C ALA B 86 0.06 -16.88 21.50
N ALA B 87 -0.37 -18.09 21.14
CA ALA B 87 0.12 -18.77 19.95
C ALA B 87 -1.05 -19.30 19.13
N TRP B 88 -0.85 -19.38 17.81
CA TRP B 88 -1.82 -20.02 16.94
C TRP B 88 -2.11 -21.44 17.41
N ASP B 89 -3.38 -21.84 17.36
CA ASP B 89 -3.78 -23.18 17.77
C ASP B 89 -3.60 -24.23 16.70
N GLY B 90 -3.11 -23.88 15.50
CA GLY B 90 -2.84 -24.84 14.47
C GLY B 90 -4.01 -25.26 13.61
N LEU B 91 -5.22 -24.80 13.93
CA LEU B 91 -6.40 -25.28 13.21
C LEU B 91 -7.35 -24.15 12.79
N SER B 92 -7.38 -23.07 13.57
CA SER B 92 -8.40 -22.05 13.41
C SER B 92 -7.94 -20.91 12.52
N GLU B 93 -8.91 -20.27 11.87
CA GLU B 93 -8.65 -19.02 11.19
C GLU B 93 -8.21 -17.97 12.20
N VAL B 94 -7.43 -17.00 11.70
CA VAL B 94 -6.87 -15.89 12.46
C VAL B 94 -7.19 -14.61 11.71
N GLN B 95 -6.84 -13.47 12.31
CA GLN B 95 -7.00 -12.20 11.62
C GLN B 95 -5.71 -11.40 11.66
N LEU B 96 -5.25 -10.97 10.49
CA LEU B 96 -4.23 -9.94 10.41
C LEU B 96 -4.90 -8.59 10.60
N LEU B 97 -4.55 -7.89 11.68
CA LEU B 97 -5.00 -6.51 11.89
C LEU B 97 -4.01 -5.62 11.16
N ALA B 98 -4.24 -5.47 9.86
CA ALA B 98 -3.29 -4.76 9.01
C ALA B 98 -3.46 -3.26 9.16
N VAL B 99 -2.34 -2.55 9.31
CA VAL B 99 -2.36 -1.09 9.33
C VAL B 99 -1.46 -0.58 8.21
N PRO B 100 -1.94 -0.58 6.97
CA PRO B 100 -1.08 -0.15 5.86
C PRO B 100 -0.87 1.35 5.91
N PRO B 101 0.25 1.83 5.37
CA PRO B 101 0.44 3.28 5.26
C PRO B 101 -0.73 3.95 4.58
N GLY B 102 -1.23 5.02 5.19
CA GLY B 102 -2.31 5.81 4.62
C GLY B 102 -3.67 5.18 4.62
N GLU B 103 -3.85 4.03 5.28
CA GLU B 103 -5.14 3.35 5.26
C GLU B 103 -5.58 3.05 6.68
N ARG B 104 -6.90 3.08 6.89
CA ARG B 104 -7.47 2.74 8.18
C ARG B 104 -7.12 1.30 8.54
N ALA B 105 -6.90 1.05 9.82
CA ALA B 105 -6.69 -0.31 10.28
C ALA B 105 -7.84 -1.19 9.80
N LYS B 106 -7.50 -2.38 9.31
CA LYS B 106 -8.48 -3.30 8.77
C LYS B 106 -8.10 -4.72 9.12
N ASN B 107 -9.11 -5.55 9.34
CA ASN B 107 -8.93 -6.93 9.74
C ASN B 107 -9.11 -7.83 8.54
N ILE B 108 -8.13 -8.71 8.31
CA ILE B 108 -8.12 -9.64 7.19
C ILE B 108 -8.09 -11.04 7.78
N GLN B 109 -9.13 -11.82 7.54
CA GLN B 109 -9.22 -13.16 8.12
C GLN B 109 -8.59 -14.17 7.16
N THR B 110 -7.92 -15.17 7.72
CA THR B 110 -7.20 -16.14 6.90
C THR B 110 -6.92 -17.39 7.73
N LEU B 111 -6.77 -18.52 7.04
CA LEU B 111 -6.22 -19.71 7.69
C LEU B 111 -4.72 -19.73 7.46
N PRO B 112 -3.90 -19.71 8.51
CA PRO B 112 -2.45 -19.77 8.30
C PRO B 112 -2.04 -21.08 7.62
N GLY B 113 -1.01 -20.98 6.78
CA GLY B 113 -0.17 -22.11 6.44
C GLY B 113 0.84 -22.35 7.55
N ILE B 114 1.90 -23.08 7.19
CA ILE B 114 2.89 -23.54 8.17
C ILE B 114 4.29 -23.39 7.60
N PHE B 115 5.19 -22.82 8.40
CA PHE B 115 6.62 -22.94 8.17
C PHE B 115 7.09 -24.14 9.00
N LYS B 116 7.57 -25.18 8.33
CA LYS B 116 8.14 -26.35 9.01
C LYS B 116 9.64 -26.11 9.14
N THR B 117 10.14 -26.09 10.37
CA THR B 117 11.55 -25.86 10.62
C THR B 117 12.09 -26.99 11.49
N LYS B 118 13.42 -27.11 11.51
CA LYS B 118 14.05 -28.15 12.31
C LYS B 118 13.77 -27.97 13.80
N ASP B 119 13.35 -26.77 14.19
CA ASP B 119 13.03 -26.46 15.58
C ASP B 119 11.53 -26.36 15.84
N GLY B 120 10.71 -26.86 14.92
CA GLY B 120 9.27 -26.91 15.10
C GLY B 120 8.53 -26.11 14.04
N ASP B 121 7.20 -26.22 14.11
CA ASP B 121 6.33 -25.55 13.16
C ASP B 121 5.91 -24.17 13.66
N ILE B 122 5.79 -23.24 12.72
CA ILE B 122 5.39 -21.86 12.97
C ILE B 122 4.26 -21.55 12.00
N GLY B 123 3.20 -20.92 12.50
CA GLY B 123 2.16 -20.47 11.59
C GLY B 123 2.70 -19.42 10.62
N ALA B 124 2.06 -19.33 9.46
CA ALA B 124 2.46 -18.36 8.45
C ALA B 124 1.23 -17.89 7.69
N VAL B 125 1.23 -16.63 7.29
CA VAL B 125 0.09 -16.06 6.57
C VAL B 125 0.53 -15.63 5.18
N ALA B 126 -0.21 -16.07 4.17
CA ALA B 126 0.09 -15.80 2.77
C ALA B 126 -0.66 -14.53 2.34
N LEU B 127 -0.25 -13.43 2.94
CA LEU B 127 -0.83 -12.12 2.72
C LEU B 127 0.30 -11.16 2.43
N ASP B 128 0.10 -10.29 1.44
CA ASP B 128 1.16 -9.44 0.89
C ASP B 128 0.70 -7.98 0.93
N TYR B 129 1.13 -7.25 1.95
CA TYR B 129 0.79 -5.85 2.18
C TYR B 129 2.05 -5.01 2.09
N PRO B 130 1.92 -3.69 1.92
CA PRO B 130 3.11 -2.85 1.81
C PRO B 130 4.05 -2.98 3.01
N ALA B 131 5.34 -2.73 2.75
CA ALA B 131 6.38 -2.94 3.76
C ALA B 131 6.08 -2.20 5.06
N GLY B 132 5.50 -1.00 4.96
CA GLY B 132 5.15 -0.22 6.14
C GLY B 132 4.08 -0.85 7.01
N THR B 133 3.50 -1.98 6.58
CA THR B 133 2.57 -2.77 7.39
C THR B 133 3.31 -3.69 8.35
N SER B 134 4.63 -3.82 8.21
CA SER B 134 5.39 -4.72 9.07
C SER B 134 5.23 -4.33 10.53
N GLY B 135 5.02 -5.34 11.37
CA GLY B 135 4.71 -5.15 12.76
C GLY B 135 3.24 -5.25 13.08
N SER B 136 2.39 -5.34 12.07
CA SER B 136 0.96 -5.47 12.32
C SER B 136 0.68 -6.77 13.05
N PRO B 137 -0.23 -6.78 14.01
CA PRO B 137 -0.47 -7.99 14.78
C PRO B 137 -1.40 -8.96 14.09
N ILE B 138 -1.19 -10.24 14.38
CA ILE B 138 -2.09 -11.32 13.99
C ILE B 138 -2.80 -11.74 15.26
N LEU B 139 -4.12 -11.92 15.17
CA LEU B 139 -4.99 -12.14 16.31
C LEU B 139 -5.68 -13.49 16.23
N ASP B 140 -5.88 -14.12 17.40
CA ASP B 140 -6.76 -15.28 17.48
C ASP B 140 -8.20 -14.81 17.72
N LYS B 141 -9.13 -15.78 17.75
CA LYS B 141 -10.55 -15.47 17.85
C LYS B 141 -10.91 -14.81 19.18
N SER B 142 -10.06 -14.93 20.20
CA SER B 142 -10.27 -14.24 21.47
C SER B 142 -9.70 -12.83 21.48
N GLY B 143 -9.10 -12.37 20.38
CA GLY B 143 -8.54 -11.03 20.33
C GLY B 143 -7.13 -10.92 20.87
N ARG B 144 -6.47 -12.04 21.16
CA ARG B 144 -5.11 -12.06 21.66
C ARG B 144 -4.11 -12.01 20.50
N VAL B 145 -3.01 -11.30 20.70
CA VAL B 145 -1.99 -11.20 19.67
C VAL B 145 -1.16 -12.48 19.68
N ILE B 146 -1.21 -13.23 18.58
CA ILE B 146 -0.45 -14.47 18.44
C ILE B 146 0.88 -14.27 17.70
N GLY B 147 1.17 -13.07 17.24
CA GLY B 147 2.43 -12.77 16.61
C GLY B 147 2.33 -11.52 15.77
N LEU B 148 3.46 -11.14 15.17
CA LEU B 148 3.52 -9.97 14.31
C LEU B 148 3.87 -10.36 12.87
N TYR B 149 3.38 -9.54 11.93
CA TYR B 149 3.52 -9.77 10.49
C TYR B 149 4.72 -9.02 9.94
N GLY B 150 5.49 -9.68 9.06
CA GLY B 150 6.50 -8.96 8.31
C GLY B 150 7.90 -9.53 8.17
N ASN B 151 8.11 -10.76 8.65
CA ASN B 151 9.34 -11.49 8.38
C ASN B 151 8.94 -12.81 7.74
N GLY B 152 9.43 -13.06 6.54
CA GLY B 152 8.93 -14.20 5.78
C GLY B 152 9.80 -14.62 4.63
N VAL B 153 9.15 -15.23 3.64
CA VAL B 153 9.81 -15.78 2.47
C VAL B 153 8.93 -15.54 1.26
N VAL B 154 9.54 -15.70 0.07
CA VAL B 154 8.81 -15.62 -1.20
C VAL B 154 8.77 -17.01 -1.82
N ILE B 155 7.59 -17.39 -2.32
CA ILE B 155 7.42 -18.66 -3.01
C ILE B 155 7.02 -18.45 -4.47
N SER B 159 5.09 -14.38 -4.63
CA SER B 159 4.11 -14.23 -3.56
C SER B 159 4.70 -14.40 -2.16
N TYR B 160 4.50 -13.40 -1.32
CA TYR B 160 5.13 -13.35 -0.02
C TYR B 160 4.30 -14.08 1.02
N VAL B 161 4.99 -14.79 1.92
CA VAL B 161 4.37 -15.51 3.03
C VAL B 161 5.11 -15.08 4.30
N SER B 162 4.36 -14.52 5.26
CA SER B 162 4.94 -14.04 6.51
C SER B 162 4.85 -15.10 7.60
N ALA B 163 5.94 -15.29 8.34
CA ALA B 163 5.81 -16.04 9.58
C ALA B 163 4.86 -15.28 10.50
N ILE B 164 4.17 -16.01 11.37
CA ILE B 164 3.52 -15.43 12.54
C ILE B 164 4.61 -15.42 13.61
N THR B 165 5.26 -14.27 13.80
CA THR B 165 6.43 -14.20 14.68
C THR B 165 5.98 -13.80 16.09
N GLN B 166 6.21 -14.69 17.04
CA GLN B 166 5.87 -14.44 18.43
C GLN B 166 7.12 -14.55 19.28
N GLY B 167 7.18 -13.71 20.32
CA GLY B 167 8.30 -13.71 21.24
C GLY B 167 8.02 -14.58 22.45
N LYS B 168 8.86 -14.41 23.47
CA LYS B 168 8.79 -15.21 24.68
C LYS B 168 8.53 -14.29 25.87
N ARG B 169 7.53 -14.63 26.67
CA ARG B 169 7.20 -13.90 27.89
C ARG B 169 7.66 -14.70 29.10
N ASP C 7 -16.78 21.19 -4.18
CA ASP C 7 -16.42 20.46 -2.97
C ASP C 7 -14.98 19.99 -2.97
N MET C 8 -14.29 20.14 -4.10
CA MET C 8 -12.92 19.67 -4.25
C MET C 8 -12.05 20.77 -4.83
N TYR C 9 -10.77 20.74 -4.50
CA TYR C 9 -9.78 21.66 -5.03
C TYR C 9 -8.50 20.89 -5.29
N ILE C 10 -7.62 21.48 -6.10
CA ILE C 10 -6.35 20.85 -6.42
C ILE C 10 -5.22 21.66 -5.78
N GLU C 11 -4.15 20.96 -5.42
CA GLU C 11 -2.97 21.63 -4.89
C GLU C 11 -1.72 20.87 -5.34
N ARG C 12 -0.68 21.62 -5.66
CA ARG C 12 0.45 21.04 -6.36
C ARG C 12 1.18 20.05 -5.47
N ALA C 13 1.70 18.99 -6.10
CA ALA C 13 2.46 17.96 -5.41
C ALA C 13 3.84 17.71 -6.00
N GLY C 14 4.11 18.16 -7.22
CA GLY C 14 5.46 18.00 -7.73
C GLY C 14 5.56 18.25 -9.22
N ASP C 15 6.80 18.21 -9.69
CA ASP C 15 7.11 18.15 -11.11
C ASP C 15 7.00 16.70 -11.56
N ILE C 16 6.80 16.51 -12.86
CA ILE C 16 6.70 15.17 -13.44
C ILE C 16 8.02 14.89 -14.13
N THR C 17 8.85 14.06 -13.49
CA THR C 17 10.14 13.67 -14.05
C THR C 17 10.45 12.25 -13.62
N TRP C 18 11.25 11.57 -14.45
CA TRP C 18 11.88 10.32 -14.08
C TRP C 18 13.00 10.58 -13.08
N GLU C 19 13.10 9.72 -12.06
CA GLU C 19 14.14 9.80 -11.05
C GLU C 19 15.17 8.71 -11.29
N LYS C 20 16.41 9.11 -11.56
CA LYS C 20 17.42 8.13 -11.95
C LYS C 20 17.68 7.09 -10.86
N ASP C 21 17.61 7.50 -9.59
CA ASP C 21 17.95 6.59 -8.49
C ASP C 21 16.72 6.07 -7.77
N ALA C 22 15.66 5.76 -8.49
CA ALA C 22 14.43 5.29 -7.87
C ALA C 22 14.56 3.83 -7.46
N GLU C 23 13.97 3.49 -6.32
CA GLU C 23 13.85 2.09 -5.92
C GLU C 23 12.99 1.33 -6.92
N VAL C 24 13.43 0.12 -7.28
CA VAL C 24 12.70 -0.80 -8.15
C VAL C 24 12.00 -1.82 -7.25
N THR C 25 10.73 -2.08 -7.54
CA THR C 25 9.97 -3.05 -6.76
C THR C 25 8.74 -3.47 -7.52
N GLY C 26 8.09 -4.51 -6.99
CA GLY C 26 6.90 -5.06 -7.59
C GLY C 26 7.21 -6.19 -8.54
N ASN C 27 6.23 -7.08 -8.71
CA ASN C 27 6.32 -8.14 -9.70
C ASN C 27 5.63 -7.69 -10.98
N SER C 28 5.43 -8.63 -11.91
CA SER C 28 4.91 -8.32 -13.25
C SER C 28 3.89 -9.38 -13.64
N PRO C 29 2.75 -9.41 -12.95
CA PRO C 29 1.81 -10.52 -13.13
C PRO C 29 1.06 -10.42 -14.45
N ARG C 30 0.77 -11.58 -15.03
CA ARG C 30 -0.09 -11.68 -16.20
C ARG C 30 -1.45 -12.21 -15.72
N LEU C 31 -2.46 -11.35 -15.72
CA LEU C 31 -3.76 -11.64 -15.12
C LEU C 31 -4.86 -11.57 -16.15
N ASP C 32 -5.73 -12.58 -16.18
CA ASP C 32 -6.94 -12.55 -17.00
C ASP C 32 -8.00 -11.74 -16.25
N VAL C 33 -8.48 -10.64 -16.86
CA VAL C 33 -9.44 -9.76 -16.21
C VAL C 33 -10.57 -9.42 -17.17
N ALA C 34 -11.68 -8.97 -16.59
CA ALA C 34 -12.83 -8.46 -17.33
C ALA C 34 -13.11 -7.04 -16.88
N LEU C 35 -13.55 -6.20 -17.81
CA LEU C 35 -13.89 -4.80 -17.54
C LEU C 35 -15.38 -4.65 -17.81
N ASP C 36 -16.13 -4.27 -16.78
CA ASP C 36 -17.58 -4.17 -16.93
C ASP C 36 -17.98 -2.77 -17.38
N GLU C 37 -19.27 -2.62 -17.72
CA GLU C 37 -19.72 -1.38 -18.33
C GLU C 37 -19.56 -0.18 -17.39
N SER C 38 -19.39 -0.42 -16.09
CA SER C 38 -19.16 0.64 -15.12
C SER C 38 -17.69 0.99 -14.93
N GLY C 39 -16.79 0.38 -15.69
CA GLY C 39 -15.37 0.68 -15.57
C GLY C 39 -14.65 -0.07 -14.48
N ASP C 40 -15.24 -1.13 -13.95
CA ASP C 40 -14.61 -1.92 -12.90
C ASP C 40 -13.98 -3.18 -13.47
N PHE C 41 -12.72 -3.42 -13.09
CA PHE C 41 -12.03 -4.65 -13.44
C PHE C 41 -12.34 -5.72 -12.42
N SER C 42 -12.43 -6.97 -12.89
CA SER C 42 -12.52 -8.13 -12.01
C SER C 42 -11.63 -9.23 -12.57
N LEU C 43 -11.19 -10.11 -11.68
CA LEU C 43 -10.46 -11.30 -12.09
C LEU C 43 -11.41 -12.33 -12.70
N VAL C 44 -11.00 -12.92 -13.81
CA VAL C 44 -11.77 -13.97 -14.47
C VAL C 44 -11.59 -15.28 -13.70
N GLU C 45 -12.71 -15.95 -13.42
CA GLU C 45 -12.67 -17.25 -12.74
C GLU C 45 -12.37 -18.34 -13.76
N VAL D 12 2.62 35.54 -13.87
CA VAL D 12 2.69 34.52 -14.93
C VAL D 12 2.78 35.19 -16.30
N LYS D 13 3.71 34.70 -17.13
CA LYS D 13 3.82 35.15 -18.51
C LYS D 13 2.68 34.56 -19.34
N LYS D 14 2.42 35.18 -20.49
CA LYS D 14 1.37 34.68 -21.37
C LYS D 14 1.77 33.30 -21.91
N GLY D 15 0.88 32.33 -21.74
CA GLY D 15 1.15 30.97 -22.12
C GLY D 15 1.85 30.14 -21.06
N GLU D 16 2.15 30.73 -19.90
CA GLU D 16 2.87 30.00 -18.84
C GLU D 16 1.84 29.22 -18.02
N THR D 17 1.49 28.04 -18.52
CA THR D 17 0.58 27.13 -17.82
C THR D 17 1.33 26.35 -16.74
N THR D 18 0.57 25.67 -15.89
CA THR D 18 1.06 25.11 -14.64
C THR D 18 1.17 23.60 -14.71
N ASP D 19 2.25 23.13 -15.33
CA ASP D 19 2.45 21.70 -15.53
C ASP D 19 2.91 21.05 -14.22
N GLY D 20 2.35 19.88 -13.92
CA GLY D 20 2.83 19.12 -12.79
C GLY D 20 1.78 18.12 -12.32
N VAL D 21 2.09 17.50 -11.19
CA VAL D 21 1.17 16.56 -10.53
C VAL D 21 0.55 17.27 -9.34
N TYR D 22 -0.73 17.01 -9.11
CA TYR D 22 -1.53 17.72 -8.13
C TYR D 22 -2.35 16.71 -7.32
N ARG D 23 -2.55 17.04 -6.05
CA ARG D 23 -3.49 16.32 -5.19
C ARG D 23 -4.89 16.86 -5.41
N VAL D 24 -5.88 15.98 -5.38
CA VAL D 24 -7.29 16.36 -5.41
C VAL D 24 -7.81 16.21 -3.99
N MET D 25 -8.18 17.33 -3.37
CA MET D 25 -8.54 17.40 -1.98
C MET D 25 -10.01 17.77 -1.83
N THR D 26 -10.64 17.29 -0.76
CA THR D 26 -11.97 17.78 -0.42
C THR D 26 -11.84 19.00 0.49
N ARG D 27 -12.86 19.86 0.46
CA ARG D 27 -12.84 21.03 1.33
C ARG D 27 -13.05 20.59 2.78
N ARG D 28 -12.98 21.55 3.70
CA ARG D 28 -12.98 21.22 5.13
C ARG D 28 -14.21 20.40 5.49
N LEU D 29 -15.37 20.72 4.90
CA LEU D 29 -16.62 20.07 5.27
C LEU D 29 -16.54 18.56 5.13
N LEU D 30 -15.72 18.07 4.21
CA LEU D 30 -15.59 16.65 3.94
C LEU D 30 -14.31 16.06 4.51
N GLY D 31 -13.59 16.81 5.34
CA GLY D 31 -12.45 16.27 6.08
C GLY D 31 -11.09 16.70 5.58
N SER D 32 -11.02 17.57 4.58
CA SER D 32 -9.74 17.92 3.96
C SER D 32 -8.98 16.65 3.59
N THR D 33 -9.70 15.72 2.99
CA THR D 33 -9.18 14.42 2.61
C THR D 33 -8.62 14.50 1.19
N GLN D 34 -7.55 13.75 0.95
CA GLN D 34 -7.06 13.58 -0.41
C GLN D 34 -7.82 12.42 -1.04
N VAL D 35 -8.67 12.72 -2.03
CA VAL D 35 -9.42 11.67 -2.70
C VAL D 35 -8.74 11.19 -3.98
N GLY D 36 -7.73 11.91 -4.45
CA GLY D 36 -6.99 11.44 -5.60
C GLY D 36 -5.91 12.41 -6.02
N VAL D 37 -5.49 12.26 -7.28
CA VAL D 37 -4.32 12.91 -7.84
C VAL D 37 -4.63 13.15 -9.31
N GLY D 38 -3.94 14.12 -9.90
CA GLY D 38 -4.03 14.27 -11.34
C GLY D 38 -2.84 15.01 -11.92
N VAL D 39 -2.85 15.12 -13.25
CA VAL D 39 -1.77 15.70 -14.03
C VAL D 39 -2.27 16.94 -14.74
N MET D 40 -1.58 18.06 -14.52
CA MET D 40 -1.79 19.27 -15.31
C MET D 40 -0.75 19.26 -16.42
N GLN D 41 -1.21 19.24 -17.67
CA GLN D 41 -0.30 19.29 -18.80
C GLN D 41 -1.00 20.02 -19.93
N GLU D 42 -0.31 20.99 -20.52
CA GLU D 42 -0.84 21.72 -21.68
C GLU D 42 -2.18 22.37 -21.37
N GLY D 43 -2.30 22.92 -20.16
CA GLY D 43 -3.50 23.62 -19.74
C GLY D 43 -4.69 22.75 -19.39
N VAL D 44 -4.52 21.44 -19.33
CA VAL D 44 -5.61 20.49 -19.07
C VAL D 44 -5.28 19.69 -17.83
N PHE D 45 -6.29 19.46 -16.99
CA PHE D 45 -6.15 18.62 -15.81
C PHE D 45 -6.73 17.24 -16.11
N HIS D 46 -5.95 16.20 -15.83
CA HIS D 46 -6.26 14.82 -16.17
C HIS D 46 -6.34 14.01 -14.90
N THR D 47 -7.44 13.31 -14.68
CA THR D 47 -7.54 12.43 -13.52
C THR D 47 -8.43 11.23 -13.86
N MET D 48 -8.61 10.34 -12.91
CA MET D 48 -9.51 9.21 -13.09
C MET D 48 -10.92 9.60 -12.70
N TRP D 49 -11.90 9.15 -13.49
CA TRP D 49 -13.28 9.57 -13.26
C TRP D 49 -13.70 9.27 -11.82
N HIS D 50 -13.32 8.12 -11.29
CA HIS D 50 -13.79 7.73 -9.96
C HIS D 50 -13.28 8.65 -8.86
N VAL D 51 -12.24 9.44 -9.13
CA VAL D 51 -11.73 10.37 -8.13
C VAL D 51 -12.73 11.50 -7.88
N THR D 52 -13.20 12.13 -8.95
CA THR D 52 -14.04 13.31 -8.83
C THR D 52 -15.49 13.07 -9.20
N LYS D 53 -15.81 11.93 -9.83
CA LYS D 53 -17.13 11.68 -10.39
C LYS D 53 -17.50 12.77 -11.39
N GLY D 54 -16.49 13.40 -11.98
CA GLY D 54 -16.68 14.45 -12.97
C GLY D 54 -16.99 15.82 -12.41
N ALA D 55 -16.99 16.00 -11.09
CA ALA D 55 -17.43 17.27 -10.51
C ALA D 55 -16.39 18.36 -10.73
N ALA D 56 -16.86 19.61 -10.74
CA ALA D 56 -15.97 20.76 -10.89
C ALA D 56 -14.96 20.83 -9.75
N LEU D 57 -13.83 21.47 -10.03
CA LEU D 57 -12.73 21.59 -9.08
C LEU D 57 -12.32 23.05 -8.94
N ARG D 58 -11.93 23.46 -7.74
CA ARG D 58 -11.34 24.77 -7.51
C ARG D 58 -9.83 24.68 -7.70
N SER D 59 -9.28 25.69 -8.37
CA SER D 59 -7.83 25.86 -8.53
C SER D 59 -7.53 27.30 -8.16
N GLY D 60 -6.98 27.51 -6.97
CA GLY D 60 -6.82 28.87 -6.50
C GLY D 60 -8.17 29.55 -6.43
N GLU D 61 -8.34 30.63 -7.22
CA GLU D 61 -9.61 31.31 -7.31
C GLU D 61 -10.43 30.89 -8.53
N GLY D 62 -9.85 30.10 -9.44
CA GLY D 62 -10.56 29.68 -10.62
C GLY D 62 -11.29 28.36 -10.43
N ARG D 63 -12.22 28.09 -11.35
CA ARG D 63 -12.95 26.84 -11.38
C ARG D 63 -12.53 26.05 -12.61
N LEU D 64 -12.31 24.75 -12.42
CA LEU D 64 -12.02 23.84 -13.53
C LEU D 64 -13.28 23.02 -13.80
N ASP D 65 -13.74 23.06 -15.04
CA ASP D 65 -14.94 22.36 -15.45
C ASP D 65 -14.60 21.14 -16.30
N PRO D 66 -15.33 20.03 -16.12
CA PRO D 66 -15.07 18.85 -16.95
C PRO D 66 -15.32 19.14 -18.43
N TYR D 67 -14.51 18.52 -19.25
CA TYR D 67 -14.54 18.73 -20.71
C TYR D 67 -14.71 17.44 -21.49
N TRP D 68 -14.02 16.39 -21.10
CA TRP D 68 -14.19 15.08 -21.73
C TRP D 68 -14.17 14.06 -20.61
N GLY D 69 -14.96 13.01 -20.74
CA GLY D 69 -14.90 11.94 -19.75
C GLY D 69 -15.56 10.68 -20.26
N ASP D 70 -15.15 9.56 -19.67
CA ASP D 70 -15.66 8.24 -20.04
C ASP D 70 -15.60 7.34 -18.83
N VAL D 71 -16.77 6.90 -18.35
CA VAL D 71 -16.85 6.11 -17.13
C VAL D 71 -16.19 4.76 -17.29
N LYS D 72 -16.29 4.15 -18.47
CA LYS D 72 -15.75 2.80 -18.62
C LYS D 72 -14.22 2.84 -18.69
N GLN D 73 -13.67 3.83 -19.39
CA GLN D 73 -12.23 4.04 -19.34
C GLN D 73 -11.78 4.55 -17.98
N ASP D 74 -12.72 5.12 -17.21
CA ASP D 74 -12.47 5.69 -15.89
C ASP D 74 -11.53 6.89 -15.96
N LEU D 75 -11.75 7.76 -16.95
CA LEU D 75 -10.91 8.95 -17.12
C LEU D 75 -11.75 10.19 -17.34
N VAL D 76 -11.18 11.34 -16.99
CA VAL D 76 -11.83 12.64 -17.19
C VAL D 76 -10.76 13.70 -17.35
N SER D 77 -11.02 14.67 -18.23
CA SER D 77 -10.17 15.84 -18.41
C SER D 77 -10.98 17.10 -18.16
N TYR D 78 -10.29 18.12 -17.64
CA TYR D 78 -10.86 19.41 -17.32
C TYR D 78 -10.14 20.49 -18.12
N CYS D 79 -10.91 21.47 -18.59
CA CYS D 79 -10.46 22.68 -19.27
C CYS D 79 -10.09 22.45 -20.73
N GLY D 80 -10.10 21.22 -21.23
CA GLY D 80 -9.72 20.94 -22.58
C GLY D 80 -9.63 19.45 -22.80
N PRO D 81 -9.27 19.04 -24.02
CA PRO D 81 -9.26 17.61 -24.34
C PRO D 81 -8.07 16.90 -23.72
N TRP D 82 -8.20 15.57 -23.65
CA TRP D 82 -7.15 14.74 -23.09
C TRP D 82 -5.86 14.89 -23.90
N LYS D 83 -4.76 15.21 -23.21
CA LYS D 83 -3.51 15.56 -23.88
C LYS D 83 -2.46 14.45 -23.84
N LEU D 84 -2.61 13.44 -22.99
CA LEU D 84 -1.56 12.47 -22.74
C LEU D 84 -1.72 11.29 -23.70
N ASP D 85 -0.69 11.04 -24.51
CA ASP D 85 -0.80 9.96 -25.47
C ASP D 85 0.39 9.03 -25.53
N ALA D 86 1.40 9.21 -24.70
CA ALA D 86 2.51 8.26 -24.68
C ALA D 86 2.00 6.90 -24.22
N ALA D 87 2.60 5.85 -24.77
CA ALA D 87 2.21 4.48 -24.48
C ALA D 87 3.38 3.72 -23.87
N TRP D 88 3.10 2.82 -22.94
CA TRP D 88 4.11 1.87 -22.50
C TRP D 88 4.59 1.09 -23.72
N ASP D 89 5.91 0.96 -23.86
CA ASP D 89 6.48 0.24 -24.99
C ASP D 89 6.39 -1.27 -24.85
N GLY D 90 5.80 -1.79 -23.75
CA GLY D 90 5.66 -3.20 -23.53
C GLY D 90 6.93 -3.93 -23.14
N LEU D 91 8.02 -3.20 -22.95
CA LEU D 91 9.35 -3.76 -22.76
C LEU D 91 10.10 -3.15 -21.59
N SER D 92 10.00 -1.84 -21.41
CA SER D 92 10.87 -1.12 -20.49
C SER D 92 10.22 -0.98 -19.12
N GLU D 93 11.05 -0.84 -18.10
CA GLU D 93 10.55 -0.46 -16.79
C GLU D 93 9.97 0.95 -16.84
N VAL D 94 9.06 1.23 -15.91
CA VAL D 94 8.35 2.49 -15.82
C VAL D 94 8.48 2.99 -14.39
N GLN D 95 8.00 4.20 -14.15
CA GLN D 95 7.97 4.76 -12.80
C GLN D 95 6.58 5.26 -12.46
N LEU D 96 6.04 4.78 -11.35
CA LEU D 96 4.87 5.39 -10.75
C LEU D 96 5.34 6.60 -9.95
N LEU D 97 4.84 7.77 -10.29
CA LEU D 97 5.05 8.97 -9.47
C LEU D 97 3.91 8.97 -8.45
N ALA D 98 4.12 8.20 -7.39
CA ALA D 98 3.07 8.02 -6.39
C ALA D 98 2.91 9.27 -5.54
N VAL D 99 1.67 9.70 -5.37
CA VAL D 99 1.37 10.86 -4.53
C VAL D 99 0.40 10.38 -3.46
N PRO D 100 0.87 9.70 -2.42
CA PRO D 100 -0.05 9.13 -1.43
C PRO D 100 -0.56 10.23 -0.51
N PRO D 101 -1.79 10.10 -0.01
CA PRO D 101 -2.28 11.07 0.97
C PRO D 101 -1.32 11.22 2.14
N GLY D 102 -1.02 12.47 2.48
CA GLY D 102 -0.18 12.79 3.62
C GLY D 102 1.29 12.51 3.46
N GLU D 103 1.77 12.20 2.25
CA GLU D 103 3.16 11.88 2.03
C GLU D 103 3.67 12.62 0.81
N ARG D 104 4.96 12.98 0.85
CA ARG D 104 5.60 13.60 -0.30
C ARG D 104 5.57 12.66 -1.49
N ALA D 105 5.46 13.25 -2.67
CA ALA D 105 5.49 12.48 -3.91
C ALA D 105 6.81 11.74 -4.02
N LYS D 106 6.74 10.51 -4.54
CA LYS D 106 7.94 9.70 -4.71
C LYS D 106 7.83 8.84 -5.95
N ASN D 107 8.97 8.53 -6.56
CA ASN D 107 9.02 7.71 -7.76
C ASN D 107 9.36 6.27 -7.39
N ILE D 108 8.59 5.34 -7.90
CA ILE D 108 8.79 3.90 -7.68
C ILE D 108 8.93 3.26 -9.05
N GLN D 109 10.05 2.59 -9.29
CA GLN D 109 10.31 1.96 -10.59
C GLN D 109 9.83 0.52 -10.53
N THR D 110 9.29 0.03 -11.65
CA THR D 110 8.72 -1.31 -11.71
C THR D 110 8.65 -1.74 -13.16
N LEU D 111 8.60 -3.06 -13.38
CA LEU D 111 8.27 -3.59 -14.70
C LEU D 111 6.80 -3.97 -14.72
N PRO D 112 5.98 -3.39 -15.59
CA PRO D 112 4.56 -3.76 -15.60
C PRO D 112 4.35 -5.22 -15.95
N GLY D 113 3.31 -5.79 -15.36
CA GLY D 113 2.68 -6.98 -15.88
C GLY D 113 1.61 -6.61 -16.88
N ILE D 114 0.65 -7.50 -17.04
CA ILE D 114 -0.33 -7.41 -18.12
C ILE D 114 -1.71 -7.78 -17.57
N PHE D 115 -2.71 -6.93 -17.86
CA PHE D 115 -4.10 -7.34 -17.80
C PHE D 115 -4.48 -7.88 -19.18
N LYS D 116 -4.89 -9.15 -19.25
CA LYS D 116 -5.35 -9.76 -20.49
C LYS D 116 -6.87 -9.73 -20.49
N THR D 117 -7.46 -9.09 -21.50
CA THR D 117 -8.89 -8.98 -21.61
C THR D 117 -9.33 -9.52 -22.97
N LYS D 118 -10.64 -9.78 -23.08
CA LYS D 118 -11.20 -10.26 -24.34
C LYS D 118 -10.97 -9.27 -25.48
N ASP D 119 -10.64 -8.01 -25.16
CA ASP D 119 -10.44 -6.98 -26.17
C ASP D 119 -8.98 -6.56 -26.29
N GLY D 120 -8.06 -7.30 -25.71
CA GLY D 120 -6.65 -7.02 -25.83
C GLY D 120 -5.98 -6.85 -24.48
N ASP D 121 -4.67 -6.64 -24.53
CA ASP D 121 -3.84 -6.55 -23.34
C ASP D 121 -3.61 -5.09 -22.97
N ILE D 122 -3.43 -4.86 -21.67
CA ILE D 122 -3.13 -3.55 -21.11
C ILE D 122 -2.02 -3.75 -20.09
N GLY D 123 -1.03 -2.88 -20.09
CA GLY D 123 -0.03 -2.90 -19.02
C GLY D 123 -0.67 -2.69 -17.66
N ALA D 124 -0.04 -3.25 -16.64
CA ALA D 124 -0.56 -3.16 -15.28
C ALA D 124 0.61 -3.13 -14.31
N VAL D 125 0.51 -2.31 -13.27
CA VAL D 125 1.58 -2.19 -12.28
C VAL D 125 1.16 -2.82 -10.96
N ALA D 126 2.02 -3.68 -10.42
CA ALA D 126 1.79 -4.36 -9.15
C ALA D 126 2.39 -3.54 -8.02
N LEU D 127 1.72 -2.44 -7.72
CA LEU D 127 2.12 -1.50 -6.68
C LEU D 127 0.87 -1.12 -5.91
N ASP D 128 0.94 -1.18 -4.58
CA ASP D 128 -0.24 -1.09 -3.72
C ASP D 128 -0.16 0.19 -2.90
N TYR D 129 -1.04 1.14 -3.21
CA TYR D 129 -1.15 2.43 -2.55
C TYR D 129 -2.61 2.70 -2.19
N PRO D 130 -2.86 3.59 -1.22
CA PRO D 130 -4.24 3.88 -0.82
C PRO D 130 -5.07 4.46 -1.96
N ALA D 131 -6.39 4.37 -1.79
CA ALA D 131 -7.33 4.82 -2.81
C ALA D 131 -7.08 6.26 -3.23
N GLY D 132 -6.74 7.14 -2.29
CA GLY D 132 -6.48 8.54 -2.58
C GLY D 132 -5.25 8.80 -3.42
N THR D 133 -4.49 7.76 -3.75
CA THR D 133 -3.36 7.84 -4.68
C THR D 133 -3.84 7.72 -6.13
N SER D 134 -5.09 7.36 -6.35
CA SER D 134 -5.63 7.22 -7.69
C SER D 134 -5.45 8.52 -8.48
N GLY D 135 -5.03 8.37 -9.73
CA GLY D 135 -4.71 9.49 -10.58
C GLY D 135 -3.23 9.79 -10.66
N SER D 136 -2.41 9.14 -9.86
CA SER D 136 -0.97 9.34 -9.92
C SER D 136 -0.46 8.88 -11.27
N PRO D 137 0.47 9.61 -11.88
CA PRO D 137 0.93 9.27 -13.22
C PRO D 137 2.02 8.21 -13.21
N ILE D 138 1.98 7.37 -14.25
CA ILE D 138 3.01 6.40 -14.58
C ILE D 138 3.80 6.96 -15.76
N LEU D 139 5.13 6.84 -15.69
CA LEU D 139 6.01 7.56 -16.59
C LEU D 139 6.96 6.62 -17.31
N ASP D 140 7.29 6.97 -18.56
CA ASP D 140 8.36 6.30 -19.27
C ASP D 140 9.69 7.00 -18.97
N LYS D 141 10.78 6.46 -19.53
CA LYS D 141 12.11 6.97 -19.21
C LYS D 141 12.35 8.40 -19.68
N SER D 142 11.58 8.86 -20.67
CA SER D 142 11.66 10.25 -21.11
C SER D 142 10.80 11.18 -20.27
N GLY D 143 10.17 10.69 -19.20
CA GLY D 143 9.36 11.53 -18.35
C GLY D 143 7.94 11.74 -18.82
N ARG D 144 7.53 11.08 -19.90
CA ARG D 144 6.18 11.26 -20.42
C ARG D 144 5.19 10.38 -19.67
N VAL D 145 3.97 10.89 -19.52
CA VAL D 145 2.94 10.15 -18.80
C VAL D 145 2.33 9.12 -19.74
N ILE D 146 2.50 7.84 -19.40
CA ILE D 146 1.97 6.74 -20.19
C ILE D 146 0.64 6.23 -19.68
N GLY D 147 0.13 6.78 -18.58
CA GLY D 147 -1.17 6.44 -18.07
C GLY D 147 -1.27 6.87 -16.61
N LEU D 148 -2.46 6.65 -16.06
CA LEU D 148 -2.75 6.97 -14.66
C LEU D 148 -3.02 5.71 -13.86
N TYR D 149 -2.60 5.75 -12.59
CA TYR D 149 -2.73 4.64 -11.65
C TYR D 149 -4.04 4.73 -10.87
N GLY D 150 -4.68 3.58 -10.65
CA GLY D 150 -5.75 3.56 -9.68
C GLY D 150 -7.05 2.84 -10.05
N ASN D 151 -7.11 2.23 -11.22
CA ASN D 151 -8.23 1.36 -11.57
C ASN D 151 -7.67 -0.04 -11.81
N GLY D 152 -8.06 -0.98 -10.97
CA GLY D 152 -7.42 -2.27 -10.97
C GLY D 152 -8.19 -3.33 -10.21
N VAL D 153 -7.45 -4.28 -9.65
CA VAL D 153 -8.03 -5.44 -8.98
C VAL D 153 -7.22 -5.75 -7.73
N VAL D 154 -7.91 -6.28 -6.73
CA VAL D 154 -7.28 -6.89 -5.57
C VAL D 154 -7.11 -8.37 -5.85
N ILE D 155 -5.92 -8.89 -5.61
CA ILE D 155 -5.67 -10.30 -5.88
C ILE D 155 -5.70 -11.12 -4.60
N LYS D 156 -5.48 -12.42 -4.73
CA LYS D 156 -5.85 -13.37 -3.68
C LYS D 156 -5.03 -13.20 -2.42
N ASN D 157 -3.81 -12.68 -2.53
CA ASN D 157 -2.95 -12.48 -1.36
C ASN D 157 -3.20 -11.14 -0.68
N GLY D 158 -4.21 -10.41 -1.12
CA GLY D 158 -4.58 -9.14 -0.52
C GLY D 158 -3.98 -7.93 -1.19
N SER D 159 -3.03 -8.10 -2.11
CA SER D 159 -2.36 -6.98 -2.74
CA SER D 159 -2.36 -6.98 -2.74
C SER D 159 -3.20 -6.45 -3.90
N TYR D 160 -2.74 -5.36 -4.50
CA TYR D 160 -3.47 -4.62 -5.52
C TYR D 160 -2.63 -4.49 -6.77
N VAL D 161 -3.28 -4.61 -7.93
CA VAL D 161 -2.62 -4.40 -9.22
C VAL D 161 -3.46 -3.42 -10.03
N SER D 162 -2.82 -2.36 -10.52
CA SER D 162 -3.51 -1.30 -11.25
C SER D 162 -3.26 -1.41 -12.74
N ALA D 163 -4.31 -1.22 -13.54
CA ALA D 163 -4.09 -0.99 -14.96
C ALA D 163 -3.25 0.28 -15.14
N ILE D 164 -2.50 0.33 -16.23
CA ILE D 164 -1.94 1.58 -16.73
C ILE D 164 -3.01 2.17 -17.65
N THR D 165 -3.82 3.10 -17.14
CA THR D 165 -4.97 3.59 -17.88
C THR D 165 -4.59 4.86 -18.64
N GLN D 166 -4.70 4.82 -19.97
CA GLN D 166 -4.35 5.94 -20.82
C GLN D 166 -5.50 6.30 -21.74
N GLY D 167 -5.64 7.59 -21.98
CA GLY D 167 -6.66 8.10 -22.88
C GLY D 167 -6.15 8.25 -24.29
N LYS D 168 -7.00 8.83 -25.14
CA LYS D 168 -6.69 9.11 -26.52
C LYS D 168 -6.56 10.61 -26.70
N ARG D 169 -5.52 11.03 -27.42
CA ARG D 169 -5.39 12.41 -27.88
C ARG D 169 -6.01 12.47 -29.28
N GLU D 170 -7.12 13.20 -29.41
CA GLU D 170 -7.82 13.29 -30.69
C GLU D 170 -7.06 14.13 -31.70
#